data_3EEQ
#
_entry.id   3EEQ
#
_cell.length_a   66.015
_cell.length_b   97.500
_cell.length_c   107.322
_cell.angle_alpha   90.000
_cell.angle_beta   90.000
_cell.angle_gamma   90.000
#
_symmetry.space_group_name_H-M   'P 21 21 21'
#
loop_
_entity.id
_entity.type
_entity.pdbx_description
1 polymer 'putative Cobalamin biosynthesis protein G homolog'
2 non-polymer 'SULFATE ION'
3 water water
#
_entity_poly.entity_id   1
_entity_poly.type   'polypeptide(L)'
_entity_poly.pdbx_seq_one_letter_code
;MSLIENLWRGICIISASEDAFSAGETIKEKLKSFEIPVVHYRYKDAEIETIWKCYDAIVFVMALEGATRIVCKYAKSKTE
DPAIVCIDDKINYVIPLLGGHWGANDIARELSVILNSTPIITTAAEIKGKLSIERIANILIAKIINPENIVKINAALLRD
ESICIDGIDVNVNFPENIKVNSEECSYIISLRGDKEYKDKIVVWLKPLKISIGIGSKKDVKMEEIRDGIYKVLERLNLKR
ERIGIIASIREEVKKIADEFNVRFRLVNEEEINNFMNPCLTPPSKTLIEVGLKGVAEISALIAGGRNSKLILRKIAISRN
STIAVATYEGHHHHHH
;
_entity_poly.pdbx_strand_id   A,B
#
loop_
_chem_comp.id
_chem_comp.type
_chem_comp.name
_chem_comp.formula
SO4 non-polymer 'SULFATE ION' 'O4 S -2'
#
# COMPACT_ATOMS: atom_id res chain seq x y z
N SER A 2 -1.08 -22.51 14.50
CA SER A 2 -0.70 -21.16 13.99
C SER A 2 -1.48 -20.88 12.76
N LEU A 3 -1.86 -19.62 12.65
CA LEU A 3 -2.71 -19.12 11.59
C LEU A 3 -2.08 -19.50 10.24
N ILE A 4 -0.75 -19.41 10.15
CA ILE A 4 -0.08 -19.76 8.92
C ILE A 4 -0.29 -21.25 8.46
N GLU A 5 -0.35 -22.18 9.40
CA GLU A 5 -0.72 -23.60 9.14
C GLU A 5 -2.19 -23.76 8.84
N ASN A 6 -2.99 -22.78 9.20
CA ASN A 6 -4.41 -22.88 8.89
C ASN A 6 -4.78 -22.33 7.51
N LEU A 7 -3.76 -21.97 6.75
CA LEU A 7 -3.95 -21.45 5.39
C LEU A 7 -3.98 -22.67 4.49
N TRP A 8 -5.12 -23.33 4.45
CA TRP A 8 -5.19 -24.66 3.89
C TRP A 8 -5.10 -24.65 2.37
N ARG A 9 -5.60 -23.61 1.73
CA ARG A 9 -5.47 -23.53 0.27
C ARG A 9 -4.19 -22.85 -0.13
N GLY A 10 -3.35 -22.56 0.85
CA GLY A 10 -1.99 -22.17 0.55
C GLY A 10 -1.72 -20.68 0.30
N ILE A 11 -0.42 -20.41 0.13
CA ILE A 11 0.16 -19.14 -0.10
C ILE A 11 0.72 -19.07 -1.49
N CYS A 12 0.30 -18.06 -2.23
CA CYS A 12 0.88 -17.78 -3.55
C CYS A 12 1.94 -16.67 -3.45
N ILE A 13 3.17 -16.93 -3.87
CA ILE A 13 4.23 -15.95 -3.94
C ILE A 13 4.35 -15.52 -5.41
N ILE A 14 4.31 -14.20 -5.62
CA ILE A 14 4.42 -13.59 -6.95
C ILE A 14 5.62 -12.67 -6.91
N SER A 15 6.62 -12.93 -7.73
CA SER A 15 7.74 -12.02 -7.88
C SER A 15 7.78 -11.36 -9.28
N ALA A 16 8.42 -10.19 -9.36
CA ALA A 16 8.48 -9.52 -10.68
C ALA A 16 9.86 -9.17 -11.24
N SER A 17 10.94 -9.34 -10.48
CA SER A 17 12.27 -9.25 -11.07
C SER A 17 13.06 -10.56 -10.90
N GLU A 18 14.36 -10.54 -11.24
CA GLU A 18 15.30 -11.66 -11.04
C GLU A 18 15.72 -11.86 -9.58
N ASP A 19 16.11 -10.77 -8.90
CA ASP A 19 16.37 -10.81 -7.45
C ASP A 19 15.11 -11.25 -6.70
N ALA A 20 13.98 -10.62 -6.97
CA ALA A 20 12.72 -11.06 -6.38
C ALA A 20 12.50 -12.58 -6.54
N PHE A 21 12.72 -13.09 -7.77
CA PHE A 21 12.46 -14.49 -8.10
C PHE A 21 13.25 -15.35 -7.16
N SER A 22 14.48 -14.93 -6.91
CA SER A 22 15.38 -15.72 -6.05
C SER A 22 14.99 -15.64 -4.55
N ALA A 23 14.61 -14.46 -4.06
CA ALA A 23 13.93 -14.36 -2.76
C ALA A 23 12.68 -15.25 -2.63
N GLY A 24 11.91 -15.33 -3.70
CA GLY A 24 10.64 -16.04 -3.70
C GLY A 24 10.86 -17.53 -3.61
N GLU A 25 11.96 -18.02 -4.20
CA GLU A 25 12.35 -19.43 -4.13
C GLU A 25 12.78 -19.77 -2.72
N THR A 26 13.57 -18.93 -2.10
CA THR A 26 13.95 -19.08 -0.70
C THR A 26 12.73 -19.13 0.22
N ILE A 27 11.82 -18.16 0.06
CA ILE A 27 10.62 -18.15 0.85
C ILE A 27 9.81 -19.40 0.66
N LYS A 28 9.66 -19.82 -0.59
CA LYS A 28 8.97 -21.04 -0.92
C LYS A 28 9.53 -22.30 -0.26
N GLU A 29 10.85 -22.50 -0.36
CA GLU A 29 11.48 -23.65 0.30
C GLU A 29 11.31 -23.67 1.82
N LYS A 30 11.32 -22.50 2.45
CA LYS A 30 11.07 -22.45 3.87
C LYS A 30 9.59 -22.77 4.22
N LEU A 31 8.64 -22.35 3.41
CA LEU A 31 7.25 -22.70 3.72
C LEU A 31 7.03 -24.25 3.63
N LYS A 32 7.53 -24.84 2.53
CA LYS A 32 7.46 -26.31 2.33
C LYS A 32 7.86 -27.07 3.60
N SER A 33 8.94 -26.61 4.20
CA SER A 33 9.41 -27.12 5.50
C SER A 33 8.35 -27.27 6.57
N PHE A 34 7.38 -26.37 6.61
CA PHE A 34 6.41 -26.34 7.69
C PHE A 34 5.11 -26.89 7.10
N GLU A 35 5.23 -27.48 5.92
CA GLU A 35 4.08 -28.11 5.26
C GLU A 35 3.02 -27.10 4.98
N ILE A 36 3.44 -25.91 4.57
CA ILE A 36 2.47 -24.88 4.17
C ILE A 36 2.36 -25.02 2.66
N PRO A 37 1.17 -25.34 2.15
CA PRO A 37 1.12 -25.40 0.68
C PRO A 37 1.50 -24.06 0.05
N VAL A 38 2.31 -24.10 -1.02
CA VAL A 38 2.96 -22.92 -1.53
C VAL A 38 3.27 -23.07 -3.04
N VAL A 39 2.85 -22.06 -3.82
CA VAL A 39 3.19 -21.96 -5.22
C VAL A 39 3.84 -20.62 -5.52
N HIS A 40 4.91 -20.66 -6.29
CA HIS A 40 5.62 -19.49 -6.73
C HIS A 40 5.36 -19.22 -8.24
N TYR A 41 4.83 -18.06 -8.56
CA TYR A 41 4.64 -17.63 -9.92
C TYR A 41 5.53 -16.44 -10.22
N ARG A 42 6.17 -16.46 -11.39
CA ARG A 42 6.65 -15.21 -11.97
C ARG A 42 5.41 -14.37 -12.26
N TYR A 43 5.49 -13.06 -12.04
CA TYR A 43 4.38 -12.18 -12.39
C TYR A 43 4.01 -12.33 -13.88
N LYS A 44 4.98 -12.56 -14.77
CA LYS A 44 4.64 -12.86 -16.20
C LYS A 44 3.59 -13.97 -16.34
N ASP A 45 3.72 -15.06 -15.56
CA ASP A 45 2.77 -16.18 -15.64
C ASP A 45 1.51 -16.03 -14.76
N ALA A 46 1.36 -14.91 -14.10
CA ALA A 46 0.38 -14.85 -13.03
C ALA A 46 -0.95 -14.28 -13.47
N GLU A 47 -2.01 -15.07 -13.40
CA GLU A 47 -3.32 -14.50 -13.51
C GLU A 47 -3.80 -14.20 -12.11
N ILE A 48 -3.61 -12.95 -11.69
CA ILE A 48 -3.92 -12.54 -10.32
C ILE A 48 -5.39 -12.67 -10.06
N GLU A 49 -6.17 -12.43 -11.10
CA GLU A 49 -7.60 -12.52 -10.91
C GLU A 49 -7.94 -13.91 -10.42
N THR A 50 -7.34 -14.94 -10.98
CA THR A 50 -7.76 -16.26 -10.58
C THR A 50 -7.05 -16.70 -9.30
N ILE A 51 -5.76 -16.38 -9.20
CA ILE A 51 -5.00 -16.60 -7.96
C ILE A 51 -5.71 -16.03 -6.71
N TRP A 52 -6.29 -14.85 -6.83
CA TRP A 52 -6.99 -14.15 -5.77
C TRP A 52 -8.12 -14.96 -5.15
N LYS A 53 -8.72 -15.83 -5.94
CA LYS A 53 -9.85 -16.66 -5.46
C LYS A 53 -9.48 -18.08 -5.02
N CYS A 54 -8.20 -18.45 -5.18
CA CYS A 54 -7.76 -19.85 -5.04
C CYS A 54 -6.73 -20.09 -3.94
N TYR A 55 -6.15 -19.04 -3.36
CA TYR A 55 -5.17 -19.19 -2.27
C TYR A 55 -5.69 -18.42 -1.08
N ASP A 56 -5.23 -18.78 0.10
CA ASP A 56 -5.62 -18.03 1.32
C ASP A 56 -4.72 -16.78 1.57
N ALA A 57 -3.57 -16.73 0.92
CA ALA A 57 -2.71 -15.58 1.08
C ALA A 57 -1.80 -15.39 -0.13
N ILE A 58 -1.32 -14.16 -0.34
CA ILE A 58 -0.42 -13.89 -1.45
C ILE A 58 0.69 -13.08 -0.85
N VAL A 59 1.87 -13.47 -1.22
CA VAL A 59 3.06 -12.73 -0.84
C VAL A 59 3.59 -12.07 -2.17
N PHE A 60 3.60 -10.73 -2.24
CA PHE A 60 4.28 -10.10 -3.37
C PHE A 60 5.71 -9.84 -2.95
N VAL A 61 6.66 -10.32 -3.76
CA VAL A 61 8.06 -10.03 -3.51
C VAL A 61 8.49 -8.97 -4.54
N MET A 62 8.46 -7.69 -4.13
CA MET A 62 8.70 -6.54 -5.03
C MET A 62 8.60 -5.30 -4.17
N ALA A 63 8.90 -4.14 -4.75
CA ALA A 63 8.79 -2.86 -4.06
C ALA A 63 7.34 -2.70 -3.65
N LEU A 64 7.14 -2.14 -2.47
CA LEU A 64 5.81 -1.98 -1.92
C LEU A 64 4.84 -1.28 -2.90
N GLU A 65 5.40 -0.35 -3.69
CA GLU A 65 4.63 0.49 -4.57
C GLU A 65 3.89 -0.31 -5.63
N GLY A 66 4.62 -1.24 -6.24
CA GLY A 66 4.02 -2.17 -7.18
C GLY A 66 3.03 -3.14 -6.56
N ALA A 67 3.26 -3.53 -5.32
CA ALA A 67 2.33 -4.47 -4.68
C ALA A 67 1.00 -3.80 -4.42
N THR A 68 1.04 -2.52 -4.07
CA THR A 68 -0.22 -1.80 -3.79
C THR A 68 -1.02 -1.55 -5.03
N ARG A 69 -0.35 -1.17 -6.11
CA ARG A 69 -0.94 -1.16 -7.44
C ARG A 69 -1.77 -2.41 -7.64
N ILE A 70 -1.10 -3.56 -7.64
CA ILE A 70 -1.84 -4.78 -7.85
C ILE A 70 -2.95 -4.95 -6.81
N VAL A 71 -2.66 -4.67 -5.56
CA VAL A 71 -3.72 -4.91 -4.59
C VAL A 71 -4.96 -4.10 -4.91
N CYS A 72 -4.79 -2.85 -5.30
N CYS A 72 -4.79 -2.83 -5.28
CA CYS A 72 -5.96 -2.01 -5.49
CA CYS A 72 -5.98 -2.01 -5.48
C CYS A 72 -6.86 -2.40 -6.65
C CYS A 72 -6.88 -2.47 -6.61
N LYS A 73 -6.28 -3.07 -7.64
CA LYS A 73 -7.06 -3.65 -8.73
C LYS A 73 -8.10 -4.64 -8.23
N TYR A 74 -7.72 -5.44 -7.22
CA TYR A 74 -8.50 -6.61 -6.82
C TYR A 74 -9.17 -6.56 -5.43
N ALA A 75 -8.73 -5.69 -4.53
CA ALA A 75 -9.37 -5.71 -3.19
C ALA A 75 -10.84 -5.27 -3.22
N LYS A 76 -11.75 -6.22 -2.98
CA LYS A 76 -13.16 -5.96 -3.18
C LYS A 76 -14.00 -6.44 -2.03
N SER A 77 -13.52 -7.49 -1.37
CA SER A 77 -14.34 -8.10 -0.33
C SER A 77 -13.59 -8.26 0.99
N LYS A 78 -13.88 -7.39 1.95
CA LYS A 78 -13.28 -7.50 3.29
C LYS A 78 -13.51 -8.90 3.92
N THR A 79 -14.65 -9.51 3.63
CA THR A 79 -15.04 -10.81 4.16
C THR A 79 -14.44 -12.00 3.42
N GLU A 80 -14.07 -11.81 2.15
CA GLU A 80 -13.54 -12.91 1.35
C GLU A 80 -12.14 -12.76 0.74
N ASP A 81 -11.49 -11.60 0.79
CA ASP A 81 -10.19 -11.47 0.11
C ASP A 81 -9.10 -12.30 0.80
N PRO A 82 -8.10 -12.76 0.06
CA PRO A 82 -6.91 -13.30 0.74
C PRO A 82 -6.18 -12.19 1.50
N ALA A 83 -5.57 -12.54 2.65
CA ALA A 83 -4.56 -11.70 3.30
C ALA A 83 -3.39 -11.44 2.32
N ILE A 84 -2.79 -10.24 2.35
CA ILE A 84 -1.75 -9.89 1.38
C ILE A 84 -0.58 -9.34 2.16
N VAL A 85 0.61 -9.76 1.78
CA VAL A 85 1.77 -9.23 2.41
C VAL A 85 2.77 -8.86 1.28
N CYS A 86 3.69 -7.97 1.60
CA CYS A 86 4.72 -7.62 0.68
C CYS A 86 6.06 -7.86 1.33
N ILE A 87 7.00 -8.45 0.62
CA ILE A 87 8.32 -8.75 1.16
C ILE A 87 9.34 -8.22 0.15
N ASP A 88 10.28 -7.40 0.60
CA ASP A 88 11.25 -6.87 -0.37
C ASP A 88 12.09 -8.02 -0.87
N ASP A 89 12.91 -7.75 -1.88
CA ASP A 89 13.74 -8.84 -2.45
C ASP A 89 15.00 -9.21 -1.68
N LYS A 90 15.30 -8.51 -0.59
CA LYS A 90 16.29 -9.01 0.39
C LYS A 90 15.60 -9.62 1.63
N ILE A 91 14.29 -9.74 1.60
CA ILE A 91 13.61 -10.31 2.73
C ILE A 91 13.97 -9.52 4.00
N ASN A 92 14.14 -8.21 3.83
CA ASN A 92 14.31 -7.33 5.02
C ASN A 92 13.02 -7.23 5.78
N TYR A 93 11.89 -7.16 5.08
CA TYR A 93 10.66 -6.85 5.77
C TYR A 93 9.53 -7.70 5.33
N VAL A 94 8.58 -7.85 6.25
CA VAL A 94 7.33 -8.43 5.93
C VAL A 94 6.23 -7.49 6.30
N ILE A 95 5.62 -6.93 5.27
CA ILE A 95 4.63 -5.85 5.42
C ILE A 95 3.24 -6.32 5.02
N PRO A 96 2.34 -6.50 5.99
CA PRO A 96 0.98 -6.77 5.58
C PRO A 96 0.31 -5.61 4.79
N LEU A 97 -0.38 -5.90 3.69
CA LEU A 97 -1.02 -4.85 2.87
C LEU A 97 -2.51 -4.99 2.91
N LEU A 98 -3.02 -6.18 3.07
CA LEU A 98 -4.44 -6.33 3.08
C LEU A 98 -4.79 -7.41 4.04
N GLY A 99 -5.88 -7.20 4.77
CA GLY A 99 -6.41 -8.20 5.65
C GLY A 99 -5.99 -8.07 7.09
N GLY A 100 -5.51 -6.90 7.48
CA GLY A 100 -5.26 -6.62 8.91
C GLY A 100 -6.51 -6.86 9.77
N HIS A 101 -7.70 -6.96 9.17
CA HIS A 101 -8.88 -7.24 10.00
C HIS A 101 -9.06 -8.70 10.28
N TRP A 102 -8.60 -9.54 9.36
CA TRP A 102 -8.81 -10.98 9.49
C TRP A 102 -7.52 -11.77 9.55
N GLY A 103 -6.42 -11.25 10.06
CA GLY A 103 -5.28 -12.14 10.22
C GLY A 103 -3.98 -11.78 9.55
N ALA A 104 -3.96 -10.83 8.60
CA ALA A 104 -2.69 -10.49 7.96
C ALA A 104 -1.53 -10.15 8.93
N ASN A 105 -1.83 -9.49 10.04
CA ASN A 105 -0.78 -9.13 10.97
C ASN A 105 -0.14 -10.39 11.56
N ASP A 106 -0.93 -11.40 11.90
CA ASP A 106 -0.38 -12.69 12.39
C ASP A 106 0.41 -13.45 11.33
N ILE A 107 -0.11 -13.48 10.12
CA ILE A 107 0.62 -14.08 9.03
C ILE A 107 1.97 -13.38 8.86
N ALA A 108 1.96 -12.04 8.83
CA ALA A 108 3.20 -11.28 8.67
C ALA A 108 4.16 -11.68 9.77
N ARG A 109 3.68 -11.74 11.03
CA ARG A 109 4.57 -12.08 12.16
C ARG A 109 5.10 -13.51 12.06
N GLU A 110 4.23 -14.45 11.77
CA GLU A 110 4.65 -15.85 11.68
C GLU A 110 5.61 -16.05 10.50
N LEU A 111 5.21 -15.47 9.36
CA LEU A 111 6.07 -15.47 8.21
C LEU A 111 7.45 -14.91 8.58
N SER A 112 7.54 -13.79 9.28
CA SER A 112 8.89 -13.34 9.59
C SER A 112 9.71 -14.22 10.56
N VAL A 113 9.03 -15.00 11.38
CA VAL A 113 9.72 -16.02 12.16
C VAL A 113 10.26 -17.09 11.20
N ILE A 114 9.39 -17.72 10.44
CA ILE A 114 9.90 -18.68 9.44
C ILE A 114 11.10 -18.10 8.68
N LEU A 115 11.07 -16.81 8.32
CA LEU A 115 12.12 -16.24 7.45
C LEU A 115 13.18 -15.48 8.17
N ASN A 116 13.12 -15.42 9.49
CA ASN A 116 14.10 -14.60 10.19
C ASN A 116 14.19 -13.20 9.60
N SER A 117 13.03 -12.55 9.49
CA SER A 117 12.89 -11.22 8.88
C SER A 117 12.34 -10.24 9.93
N THR A 118 11.92 -9.03 9.52
CA THR A 118 11.19 -8.08 10.41
C THR A 118 9.71 -7.75 9.96
N PRO A 119 8.70 -8.06 10.82
CA PRO A 119 7.30 -7.75 10.49
C PRO A 119 7.03 -6.26 10.71
N ILE A 120 6.26 -5.63 9.83
CA ILE A 120 6.12 -4.17 9.87
C ILE A 120 4.63 -3.94 10.03
N ILE A 121 4.19 -3.91 11.29
CA ILE A 121 2.79 -3.78 11.63
C ILE A 121 2.57 -2.28 11.90
N THR A 122 1.42 -1.75 11.48
CA THR A 122 1.16 -0.32 11.52
C THR A 122 -0.28 -0.01 12.00
N LYS A 130 -10.09 -10.10 13.95
CA LYS A 130 -11.56 -10.20 13.80
C LYS A 130 -11.90 -11.19 12.69
N LEU A 131 -13.20 -11.45 12.45
CA LEU A 131 -13.59 -12.45 11.43
C LEU A 131 -14.95 -12.25 10.83
N SER A 132 -15.24 -12.99 9.75
CA SER A 132 -16.58 -13.02 9.20
C SER A 132 -17.13 -14.44 9.27
N ILE A 133 -18.43 -14.58 9.03
CA ILE A 133 -19.07 -15.88 9.07
C ILE A 133 -18.51 -16.75 7.91
N GLU A 134 -18.31 -16.16 6.73
CA GLU A 134 -17.62 -16.83 5.63
C GLU A 134 -16.33 -17.50 6.07
N ARG A 135 -15.52 -16.78 6.80
CA ARG A 135 -14.22 -17.28 7.16
C ARG A 135 -14.31 -18.36 8.23
N ILE A 136 -15.22 -18.20 9.19
CA ILE A 136 -15.52 -19.22 10.17
C ILE A 136 -16.12 -20.49 9.51
N ALA A 137 -16.96 -20.31 8.51
CA ALA A 137 -17.54 -21.46 7.81
C ALA A 137 -16.43 -22.27 7.14
N ASN A 138 -15.55 -21.56 6.42
CA ASN A 138 -14.41 -22.18 5.68
C ASN A 138 -13.51 -22.90 6.64
N ILE A 139 -13.12 -22.21 7.70
CA ILE A 139 -12.40 -22.84 8.82
C ILE A 139 -13.07 -24.12 9.39
N LEU A 140 -14.40 -24.17 9.41
CA LEU A 140 -15.07 -25.30 10.06
C LEU A 140 -15.43 -26.27 8.97
N ILE A 141 -15.03 -25.93 7.75
CA ILE A 141 -15.37 -26.75 6.58
C ILE A 141 -16.89 -27.02 6.56
N ALA A 142 -17.68 -25.95 6.44
CA ALA A 142 -19.14 -26.00 6.54
C ALA A 142 -19.80 -25.03 5.57
N LYS A 143 -21.05 -25.30 5.24
CA LYS A 143 -21.71 -24.48 4.28
C LYS A 143 -22.75 -23.62 5.03
N ILE A 144 -22.84 -22.35 4.68
CA ILE A 144 -23.82 -21.45 5.27
C ILE A 144 -25.16 -21.75 4.66
N ILE A 145 -26.15 -22.05 5.48
CA ILE A 145 -27.42 -22.33 4.84
C ILE A 145 -28.50 -21.24 4.90
N ASN A 146 -28.38 -20.28 5.81
CA ASN A 146 -29.28 -19.15 5.77
C ASN A 146 -28.47 -17.84 5.79
N PRO A 147 -27.95 -17.45 4.61
CA PRO A 147 -27.15 -16.24 4.41
C PRO A 147 -27.94 -14.96 4.59
N GLU A 148 -29.25 -15.05 4.85
CA GLU A 148 -30.02 -13.86 5.16
C GLU A 148 -29.66 -13.28 6.54
N ASN A 149 -28.95 -14.03 7.38
CA ASN A 149 -28.48 -13.51 8.67
C ASN A 149 -26.98 -13.21 8.68
N ILE A 150 -26.35 -13.32 7.52
CA ILE A 150 -24.89 -13.07 7.42
C ILE A 150 -24.51 -11.62 7.69
N VAL A 151 -25.34 -10.70 7.21
CA VAL A 151 -25.09 -9.28 7.39
C VAL A 151 -25.04 -8.95 8.89
N LYS A 152 -26.07 -9.33 9.62
CA LYS A 152 -26.08 -9.07 11.06
C LYS A 152 -24.93 -9.69 11.86
N ILE A 153 -24.58 -10.92 11.54
CA ILE A 153 -23.57 -11.60 12.35
C ILE A 153 -22.18 -10.97 12.08
N ASN A 154 -21.95 -10.58 10.85
CA ASN A 154 -20.73 -9.89 10.55
C ASN A 154 -20.62 -8.60 11.37
N ALA A 155 -21.67 -7.78 11.36
CA ALA A 155 -21.62 -6.53 12.08
C ALA A 155 -21.17 -6.80 13.51
N ALA A 156 -21.77 -7.78 14.17
CA ALA A 156 -21.37 -8.14 15.54
C ALA A 156 -19.93 -8.67 15.67
N LEU A 157 -19.52 -9.53 14.75
CA LEU A 157 -18.12 -10.00 14.69
C LEU A 157 -17.09 -8.86 14.75
N LEU A 158 -17.24 -7.85 13.92
CA LEU A 158 -16.42 -6.63 14.03
C LEU A 158 -16.43 -6.06 15.46
N ARG A 159 -17.61 -5.82 16.00
CA ARG A 159 -17.73 -5.18 17.32
C ARG A 159 -17.23 -6.12 18.43
N ASP A 160 -16.54 -7.16 18.00
CA ASP A 160 -16.02 -8.13 18.94
C ASP A 160 -17.05 -8.46 20.01
N GLU A 161 -18.29 -8.62 19.60
CA GLU A 161 -19.36 -9.03 20.51
C GLU A 161 -19.28 -10.50 20.81
N SER A 162 -20.08 -10.97 21.77
CA SER A 162 -20.10 -12.38 22.10
C SER A 162 -20.98 -13.29 21.19
N ILE A 163 -20.32 -14.03 20.31
CA ILE A 163 -21.02 -15.00 19.49
C ILE A 163 -20.78 -16.40 20.01
N CYS A 164 -21.77 -17.26 19.83
CA CYS A 164 -21.64 -18.62 20.24
C CYS A 164 -21.58 -19.54 19.00
N ILE A 165 -20.73 -20.56 19.06
CA ILE A 165 -20.64 -21.55 18.01
C ILE A 165 -21.12 -22.86 18.59
N ASP A 166 -22.22 -23.40 18.11
CA ASP A 166 -22.85 -24.51 18.78
C ASP A 166 -22.66 -25.79 17.97
N GLY A 167 -22.36 -26.89 18.64
CA GLY A 167 -22.34 -28.21 18.03
C GLY A 167 -21.01 -28.53 17.41
N ILE A 168 -19.98 -27.81 17.83
CA ILE A 168 -18.62 -28.20 17.52
C ILE A 168 -18.35 -29.48 18.33
N ASP A 169 -17.33 -30.24 17.92
CA ASP A 169 -17.06 -31.54 18.55
C ASP A 169 -15.57 -31.84 18.49
N VAL A 170 -14.83 -30.86 18.00
CA VAL A 170 -13.39 -30.79 18.19
C VAL A 170 -13.12 -29.60 19.12
N ASN A 171 -11.87 -29.36 19.42
CA ASN A 171 -11.53 -28.13 20.08
C ASN A 171 -10.90 -27.31 19.00
N VAL A 172 -11.41 -26.09 18.81
CA VAL A 172 -10.87 -25.16 17.81
C VAL A 172 -10.54 -23.82 18.46
N ASN A 173 -9.44 -23.18 18.06
CA ASN A 173 -8.94 -22.04 18.81
C ASN A 173 -9.39 -20.70 18.27
N PHE A 174 -10.59 -20.26 18.66
CA PHE A 174 -11.13 -19.01 18.12
C PHE A 174 -10.87 -17.84 19.06
N PRO A 175 -10.91 -16.60 18.55
CA PRO A 175 -10.82 -15.43 19.44
C PRO A 175 -11.78 -15.54 20.61
N GLU A 176 -11.64 -14.68 21.61
CA GLU A 176 -12.34 -14.86 22.89
C GLU A 176 -13.87 -14.63 22.88
N ASN A 177 -14.37 -13.66 22.11
CA ASN A 177 -15.82 -13.47 22.03
C ASN A 177 -16.48 -14.80 21.72
N ILE A 178 -15.91 -15.51 20.75
CA ILE A 178 -16.47 -16.79 20.42
C ILE A 178 -16.49 -17.63 21.67
N LYS A 179 -17.69 -18.02 22.09
CA LYS A 179 -17.88 -18.90 23.21
C LYS A 179 -18.42 -20.23 22.68
N VAL A 180 -17.75 -21.31 23.05
CA VAL A 180 -18.10 -22.62 22.53
C VAL A 180 -18.75 -23.51 23.58
N CYS A 185 -25.26 -15.96 24.59
CA CYS A 185 -24.92 -15.12 23.44
C CYS A 185 -26.20 -14.68 22.77
N SER A 186 -26.20 -13.47 22.20
CA SER A 186 -27.31 -13.05 21.32
C SER A 186 -27.21 -13.72 19.94
N TYR A 187 -25.98 -14.03 19.50
CA TYR A 187 -25.75 -14.48 18.15
C TYR A 187 -25.22 -15.89 18.21
N ILE A 188 -25.85 -16.78 17.48
CA ILE A 188 -25.49 -18.16 17.47
C ILE A 188 -25.05 -18.54 16.06
N ILE A 189 -23.88 -19.12 15.97
CA ILE A 189 -23.47 -19.85 14.80
C ILE A 189 -23.58 -21.31 15.17
N SER A 190 -24.48 -22.03 14.50
CA SER A 190 -24.85 -23.35 14.95
C SER A 190 -24.64 -24.46 13.93
N LEU A 191 -23.96 -25.52 14.38
CA LEU A 191 -23.81 -26.72 13.56
C LEU A 191 -24.77 -27.82 14.00
N ARG A 192 -25.42 -27.61 15.16
CA ARG A 192 -26.51 -28.48 15.66
C ARG A 192 -27.72 -28.45 14.75
N GLY A 193 -28.29 -29.61 14.48
CA GLY A 193 -29.56 -29.67 13.77
C GLY A 193 -30.74 -29.49 14.72
N ASP A 194 -30.65 -30.11 15.90
CA ASP A 194 -31.84 -30.30 16.76
C ASP A 194 -31.93 -29.39 17.98
N LYS A 195 -31.64 -28.11 17.81
CA LYS A 195 -31.73 -27.17 18.93
C LYS A 195 -32.40 -25.95 18.35
N GLU A 196 -32.90 -25.09 19.22
CA GLU A 196 -33.59 -23.92 18.77
C GLU A 196 -33.37 -22.92 19.87
N TYR A 197 -33.21 -21.67 19.46
CA TYR A 197 -32.69 -20.65 20.34
C TYR A 197 -33.65 -19.47 20.25
N LYS A 198 -34.52 -19.37 21.26
CA LYS A 198 -35.48 -18.26 21.32
C LYS A 198 -34.71 -16.98 21.52
N ASP A 199 -35.11 -15.95 20.80
CA ASP A 199 -34.57 -14.62 21.08
C ASP A 199 -33.10 -14.48 20.65
N LYS A 200 -32.65 -15.27 19.68
CA LYS A 200 -31.25 -15.16 19.25
C LYS A 200 -31.32 -14.89 17.78
N ILE A 201 -30.18 -14.56 17.21
CA ILE A 201 -30.02 -14.47 15.76
C ILE A 201 -29.07 -15.61 15.41
N VAL A 202 -29.50 -16.44 14.46
CA VAL A 202 -28.83 -17.68 14.16
C VAL A 202 -28.43 -17.78 12.68
N VAL A 203 -27.17 -18.17 12.49
CA VAL A 203 -26.68 -18.72 11.26
C VAL A 203 -26.41 -20.20 11.50
N TRP A 204 -27.10 -21.00 10.71
CA TRP A 204 -26.96 -22.44 10.59
C TRP A 204 -25.89 -22.75 9.54
N LEU A 205 -24.95 -23.56 10.00
CA LEU A 205 -23.90 -24.11 9.17
C LEU A 205 -24.13 -25.60 9.06
N LYS A 206 -24.04 -26.08 7.82
CA LYS A 206 -24.07 -27.48 7.47
C LYS A 206 -22.58 -27.99 7.43
N PRO A 207 -22.17 -28.83 8.41
CA PRO A 207 -20.83 -29.43 8.26
C PRO A 207 -20.74 -30.31 7.00
N LEU A 208 -19.71 -30.06 6.19
CA LEU A 208 -19.46 -30.84 4.99
C LEU A 208 -18.49 -31.98 5.34
N LYS A 209 -18.67 -33.09 4.63
CA LYS A 209 -17.73 -34.17 4.62
C LYS A 209 -16.67 -33.86 3.57
N ILE A 210 -15.56 -34.60 3.64
CA ILE A 210 -14.42 -34.37 2.78
C ILE A 210 -14.08 -35.58 1.92
N SER A 211 -13.48 -35.26 0.78
CA SER A 211 -12.98 -36.20 -0.21
C SER A 211 -11.45 -36.06 -0.18
N ILE A 212 -10.74 -37.14 0.15
CA ILE A 212 -9.30 -37.12 0.27
C ILE A 212 -8.74 -37.78 -0.98
N GLY A 213 -7.79 -37.12 -1.63
CA GLY A 213 -7.25 -37.70 -2.87
C GLY A 213 -5.82 -38.10 -2.52
N ILE A 214 -5.39 -39.27 -2.98
CA ILE A 214 -4.05 -39.73 -2.71
C ILE A 214 -3.32 -39.92 -4.06
N GLY A 215 -2.11 -39.40 -4.18
CA GLY A 215 -1.33 -39.66 -5.39
C GLY A 215 -0.21 -40.58 -4.95
N SER A 216 -0.01 -41.68 -5.64
CA SER A 216 1.01 -42.62 -5.13
C SER A 216 1.86 -43.26 -6.22
N LYS A 217 3.14 -43.46 -5.96
CA LYS A 217 3.93 -44.41 -6.79
C LYS A 217 3.26 -45.79 -6.77
N LYS A 218 3.55 -46.61 -7.78
CA LYS A 218 2.95 -47.95 -7.87
C LYS A 218 3.13 -48.75 -6.57
N ASP A 219 4.28 -48.57 -5.89
CA ASP A 219 4.52 -49.26 -4.60
C ASP A 219 3.88 -48.54 -3.42
N VAL A 220 2.57 -48.68 -3.29
CA VAL A 220 1.82 -47.97 -2.27
C VAL A 220 2.43 -48.20 -0.90
N LYS A 221 2.88 -47.13 -0.26
CA LYS A 221 3.43 -47.24 1.11
C LYS A 221 2.36 -46.95 2.16
N MET A 222 1.55 -47.97 2.40
CA MET A 222 0.37 -47.94 3.25
C MET A 222 0.49 -47.13 4.51
N GLU A 223 1.54 -47.37 5.27
CA GLU A 223 1.69 -46.77 6.57
C GLU A 223 1.84 -45.26 6.42
N GLU A 224 2.54 -44.89 5.38
CA GLU A 224 2.86 -43.53 5.04
C GLU A 224 1.52 -42.82 4.76
N ILE A 225 0.80 -43.36 3.78
CA ILE A 225 -0.55 -42.99 3.45
C ILE A 225 -1.52 -42.93 4.66
N ARG A 226 -1.60 -44.00 5.45
CA ARG A 226 -2.43 -43.99 6.66
C ARG A 226 -2.01 -42.88 7.64
N ASP A 227 -0.73 -42.75 7.95
CA ASP A 227 -0.30 -41.63 8.82
C ASP A 227 -0.60 -40.30 8.12
N GLY A 228 -0.52 -40.24 6.82
CA GLY A 228 -0.80 -38.97 6.14
C GLY A 228 -2.25 -38.55 6.32
N ILE A 229 -3.16 -39.51 6.28
CA ILE A 229 -4.57 -39.26 6.44
C ILE A 229 -4.88 -38.77 7.86
N TYR A 230 -4.24 -39.36 8.86
CA TYR A 230 -4.35 -38.86 10.24
C TYR A 230 -3.80 -37.44 10.42
N LYS A 231 -2.64 -37.21 9.82
CA LYS A 231 -2.04 -35.91 9.81
C LYS A 231 -3.04 -34.91 9.24
N VAL A 232 -3.71 -35.30 8.17
CA VAL A 232 -4.66 -34.41 7.55
C VAL A 232 -5.91 -34.13 8.43
N LEU A 233 -6.44 -35.15 9.10
CA LEU A 233 -7.56 -34.97 10.04
C LEU A 233 -7.16 -34.07 11.20
N GLU A 234 -5.95 -34.25 11.73
CA GLU A 234 -5.41 -33.34 12.79
C GLU A 234 -5.24 -31.93 12.24
N ARG A 235 -4.63 -31.82 11.06
CA ARG A 235 -4.48 -30.51 10.49
C ARG A 235 -5.83 -29.77 10.35
N LEU A 236 -6.86 -30.45 9.88
CA LEU A 236 -8.15 -29.82 9.56
C LEU A 236 -9.11 -29.88 10.72
N ASN A 237 -8.70 -30.47 11.85
CA ASN A 237 -9.53 -30.50 13.03
C ASN A 237 -10.79 -31.33 12.86
N LEU A 238 -10.64 -32.54 12.32
CA LEU A 238 -11.77 -33.33 11.86
C LEU A 238 -11.70 -34.72 12.45
N LYS A 239 -12.88 -35.27 12.65
CA LYS A 239 -13.02 -36.67 13.05
C LYS A 239 -13.15 -37.56 11.83
N ARG A 240 -12.76 -38.81 12.03
CA ARG A 240 -12.85 -39.85 11.06
C ARG A 240 -14.19 -39.78 10.33
N GLU A 241 -15.24 -39.50 11.11
CA GLU A 241 -16.64 -39.51 10.60
C GLU A 241 -16.79 -38.48 9.49
N ARG A 242 -15.95 -37.46 9.46
CA ARG A 242 -16.12 -36.42 8.42
C ARG A 242 -15.65 -36.83 7.04
N ILE A 243 -15.07 -38.01 6.94
CA ILE A 243 -14.56 -38.40 5.64
C ILE A 243 -15.71 -39.01 4.86
N GLY A 244 -15.95 -38.52 3.64
CA GLY A 244 -16.99 -39.10 2.83
C GLY A 244 -16.40 -40.04 1.80
N ILE A 245 -15.19 -39.76 1.35
CA ILE A 245 -14.62 -40.62 0.31
C ILE A 245 -13.11 -40.50 0.26
N ILE A 246 -12.45 -41.59 -0.13
CA ILE A 246 -11.03 -41.59 -0.44
C ILE A 246 -10.82 -41.97 -1.89
N ALA A 247 -9.86 -41.32 -2.54
CA ALA A 247 -9.73 -41.54 -3.96
C ALA A 247 -8.28 -41.58 -4.37
N SER A 248 -8.01 -42.42 -5.36
CA SER A 248 -6.64 -42.63 -5.84
C SER A 248 -6.60 -43.27 -7.21
N ILE A 249 -5.44 -43.23 -7.84
CA ILE A 249 -5.27 -44.05 -9.04
C ILE A 249 -4.72 -45.44 -8.72
N ARG A 250 -4.37 -45.69 -7.46
CA ARG A 250 -3.85 -47.00 -7.04
C ARG A 250 -4.93 -47.73 -6.27
N GLU A 251 -5.37 -48.86 -6.86
CA GLU A 251 -6.41 -49.68 -6.26
C GLU A 251 -6.10 -50.08 -4.80
N GLU A 252 -4.85 -50.28 -4.49
CA GLU A 252 -4.44 -50.70 -3.16
C GLU A 252 -4.95 -49.79 -2.02
N VAL A 253 -5.09 -48.50 -2.33
CA VAL A 253 -5.45 -47.50 -1.34
C VAL A 253 -6.88 -47.79 -0.87
N LYS A 254 -7.57 -48.65 -1.62
CA LYS A 254 -8.89 -49.10 -1.21
C LYS A 254 -8.86 -49.77 0.16
N LYS A 255 -7.73 -50.40 0.45
CA LYS A 255 -7.51 -51.07 1.73
C LYS A 255 -7.47 -50.00 2.82
N ILE A 256 -6.86 -48.87 2.48
CA ILE A 256 -6.88 -47.75 3.38
C ILE A 256 -8.31 -47.24 3.64
N ALA A 257 -9.10 -47.10 2.57
CA ALA A 257 -10.49 -46.72 2.69
C ALA A 257 -11.27 -47.69 3.61
N ASP A 258 -11.03 -49.00 3.48
CA ASP A 258 -11.74 -49.96 4.34
C ASP A 258 -11.46 -49.74 5.83
N GLU A 259 -10.19 -49.47 6.17
CA GLU A 259 -9.81 -49.18 7.52
C GLU A 259 -10.61 -48.04 8.10
N PHE A 260 -10.96 -47.07 7.24
CA PHE A 260 -11.70 -45.89 7.69
C PHE A 260 -13.18 -46.12 7.50
N ASN A 261 -13.51 -47.24 6.89
CA ASN A 261 -14.88 -47.58 6.73
C ASN A 261 -15.59 -46.51 5.92
N VAL A 262 -14.96 -46.10 4.80
CA VAL A 262 -15.57 -45.17 3.86
C VAL A 262 -15.45 -45.64 2.44
N ARG A 263 -16.25 -45.08 1.55
CA ARG A 263 -16.14 -45.41 0.14
C ARG A 263 -14.78 -45.07 -0.49
N PHE A 264 -14.42 -45.85 -1.49
CA PHE A 264 -13.20 -45.63 -2.22
C PHE A 264 -13.55 -45.30 -3.66
N ARG A 265 -12.80 -44.42 -4.31
CA ARG A 265 -12.97 -44.27 -5.75
C ARG A 265 -11.68 -44.45 -6.53
N LEU A 266 -11.70 -45.42 -7.44
CA LEU A 266 -10.54 -45.66 -8.26
C LEU A 266 -10.63 -44.67 -9.40
N VAL A 267 -9.63 -43.84 -9.53
CA VAL A 267 -9.66 -42.85 -10.57
C VAL A 267 -8.67 -43.21 -11.67
N ASN A 268 -9.13 -43.23 -12.93
CA ASN A 268 -8.26 -43.61 -14.03
C ASN A 268 -7.71 -42.43 -14.76
N GLU A 269 -6.76 -42.67 -15.66
CA GLU A 269 -6.08 -41.59 -16.33
C GLU A 269 -6.99 -40.83 -17.28
N GLU A 270 -7.86 -41.49 -17.98
CA GLU A 270 -8.69 -40.72 -18.88
C GLU A 270 -9.27 -39.63 -18.00
N GLU A 271 -9.60 -40.00 -16.77
CA GLU A 271 -10.29 -39.06 -15.88
C GLU A 271 -9.40 -37.90 -15.46
N ILE A 272 -8.13 -38.19 -15.19
CA ILE A 272 -7.15 -37.19 -14.79
C ILE A 272 -6.78 -36.24 -15.92
N ASN A 273 -6.65 -36.82 -17.12
CA ASN A 273 -6.15 -36.13 -18.29
C ASN A 273 -7.18 -35.19 -18.83
N ASN A 274 -8.41 -35.37 -18.38
CA ASN A 274 -9.54 -34.67 -18.93
C ASN A 274 -10.20 -33.76 -17.94
N PHE A 275 -9.45 -33.30 -16.94
CA PHE A 275 -10.04 -32.56 -15.85
C PHE A 275 -9.40 -31.19 -15.67
N MET A 276 -10.23 -30.17 -15.50
CA MET A 276 -9.73 -28.84 -15.33
CA MET A 276 -9.73 -28.83 -15.32
C MET A 276 -10.42 -28.18 -14.14
N ASN A 277 -9.65 -27.39 -13.41
CA ASN A 277 -10.12 -26.55 -12.33
C ASN A 277 -9.08 -25.45 -12.24
N PRO A 278 -9.52 -24.19 -12.18
CA PRO A 278 -8.55 -23.07 -12.21
C PRO A 278 -7.62 -23.03 -10.97
N CYS A 279 -8.07 -23.60 -9.85
CA CYS A 279 -7.30 -23.54 -8.61
C CYS A 279 -6.13 -24.54 -8.43
N LEU A 280 -5.94 -25.43 -9.39
CA LEU A 280 -5.03 -26.54 -9.23
C LEU A 280 -3.62 -26.05 -9.05
N THR A 281 -2.87 -26.74 -8.20
CA THR A 281 -1.44 -26.52 -8.10
C THR A 281 -0.83 -26.80 -9.49
N PRO A 282 -0.03 -25.86 -9.99
CA PRO A 282 0.61 -26.04 -11.30
C PRO A 282 1.71 -27.09 -11.25
N PRO A 283 2.01 -27.69 -12.40
CA PRO A 283 3.09 -28.69 -12.47
C PRO A 283 4.44 -28.06 -12.11
N SER A 284 5.27 -28.77 -11.39
CA SER A 284 6.61 -28.24 -11.13
C SER A 284 7.32 -27.91 -12.44
N LYS A 285 7.74 -26.66 -12.61
CA LYS A 285 8.47 -26.26 -13.80
C LYS A 285 9.71 -27.14 -13.80
N THR A 286 10.07 -27.50 -12.58
CA THR A 286 11.23 -28.36 -12.31
C THR A 286 10.79 -29.82 -12.11
N LYS A 293 1.06 -36.93 -12.50
CA LYS A 293 1.13 -35.48 -12.17
C LYS A 293 -0.23 -34.93 -11.75
N GLY A 294 -0.31 -34.23 -10.63
CA GLY A 294 -1.58 -33.62 -10.20
C GLY A 294 -2.62 -34.56 -9.63
N VAL A 295 -2.21 -35.77 -9.26
CA VAL A 295 -3.19 -36.79 -8.92
C VAL A 295 -3.97 -36.59 -7.58
N ALA A 296 -3.30 -36.08 -6.58
CA ALA A 296 -3.96 -35.93 -5.28
C ALA A 296 -5.13 -34.98 -5.41
N GLU A 297 -4.86 -33.78 -5.95
CA GLU A 297 -5.87 -32.72 -6.06
C GLU A 297 -7.02 -33.13 -6.94
N ILE A 298 -6.67 -33.71 -8.08
CA ILE A 298 -7.66 -34.07 -9.04
C ILE A 298 -8.53 -35.24 -8.59
N SER A 299 -7.95 -36.30 -8.03
CA SER A 299 -8.77 -37.38 -7.44
C SER A 299 -9.80 -36.86 -6.42
N ALA A 300 -9.31 -36.03 -5.50
CA ALA A 300 -10.10 -35.40 -4.45
C ALA A 300 -11.29 -34.69 -5.05
N LEU A 301 -11.03 -33.92 -6.10
CA LEU A 301 -12.08 -33.08 -6.69
C LEU A 301 -13.10 -33.89 -7.42
N ILE A 302 -12.66 -34.70 -8.38
CA ILE A 302 -13.58 -35.64 -9.04
C ILE A 302 -14.35 -36.54 -8.04
N ALA A 303 -13.64 -37.12 -7.07
CA ALA A 303 -14.37 -37.94 -6.08
C ALA A 303 -15.36 -37.09 -5.28
N GLY A 304 -15.01 -35.81 -5.10
CA GLY A 304 -15.84 -34.89 -4.33
C GLY A 304 -17.16 -34.60 -5.02
N GLY A 305 -17.21 -34.72 -6.34
CA GLY A 305 -18.46 -34.46 -7.04
C GLY A 305 -18.53 -33.12 -7.74
N ARG A 306 -19.71 -32.78 -8.26
CA ARG A 306 -19.88 -31.48 -8.95
C ARG A 306 -19.86 -30.35 -7.94
N ASN A 307 -19.14 -29.27 -8.23
CA ASN A 307 -19.10 -28.19 -7.27
C ASN A 307 -18.18 -28.46 -6.06
N SER A 308 -17.55 -29.65 -6.01
CA SER A 308 -16.51 -29.87 -5.05
C SER A 308 -15.52 -28.72 -5.17
N LYS A 309 -15.05 -28.25 -4.02
CA LYS A 309 -14.04 -27.20 -3.95
C LYS A 309 -12.83 -27.72 -3.17
N LEU A 310 -11.63 -27.33 -3.60
CA LEU A 310 -10.41 -27.69 -2.91
C LEU A 310 -10.33 -27.04 -1.55
N ILE A 311 -10.00 -27.82 -0.53
CA ILE A 311 -9.92 -27.36 0.84
C ILE A 311 -8.47 -27.35 1.27
N LEU A 312 -7.75 -28.45 0.99
CA LEU A 312 -6.33 -28.53 1.30
C LEU A 312 -5.57 -28.81 0.02
N ARG A 313 -4.77 -27.81 -0.34
CA ARG A 313 -3.94 -27.84 -1.49
C ARG A 313 -2.87 -28.93 -1.24
N LYS A 314 -2.52 -29.63 -2.31
CA LYS A 314 -1.62 -30.80 -2.21
C LYS A 314 -0.44 -30.64 -1.24
N ILE A 315 -0.26 -31.63 -0.42
CA ILE A 315 0.84 -31.67 0.51
C ILE A 315 1.54 -32.98 0.28
N ALA A 316 2.84 -32.99 0.53
CA ALA A 316 3.67 -34.19 0.45
C ALA A 316 3.53 -34.96 1.73
N ILE A 317 3.68 -36.26 1.62
CA ILE A 317 3.90 -37.04 2.80
C ILE A 317 5.38 -37.43 2.71
N SER A 318 5.82 -37.65 1.47
CA SER A 318 7.17 -37.98 1.16
C SER A 318 7.16 -38.14 -0.34
N ARG A 319 8.30 -38.57 -0.89
CA ARG A 319 8.58 -38.53 -2.34
C ARG A 319 7.62 -39.37 -3.22
N ASN A 320 7.01 -40.38 -2.64
CA ASN A 320 6.11 -41.24 -3.41
C ASN A 320 4.65 -41.04 -3.07
N SER A 321 4.36 -40.06 -2.20
CA SER A 321 3.02 -39.87 -1.65
C SER A 321 2.60 -38.40 -1.53
N THR A 322 1.48 -38.08 -2.15
CA THR A 322 0.88 -36.79 -1.88
C THR A 322 -0.60 -36.89 -1.43
N ILE A 323 -1.07 -35.87 -0.77
CA ILE A 323 -2.42 -35.90 -0.25
C ILE A 323 -3.03 -34.52 -0.48
N ALA A 324 -4.30 -34.51 -0.89
CA ALA A 324 -5.04 -33.29 -1.01
C ALA A 324 -6.51 -33.53 -0.57
N VAL A 325 -7.20 -32.46 -0.16
CA VAL A 325 -8.60 -32.61 0.33
C VAL A 325 -9.53 -31.64 -0.41
N ALA A 326 -10.68 -32.12 -0.82
CA ALA A 326 -11.72 -31.32 -1.39
C ALA A 326 -13.04 -31.63 -0.68
N THR A 327 -14.08 -30.82 -0.93
CA THR A 327 -15.38 -31.07 -0.31
C THR A 327 -16.09 -32.25 -1.01
N TYR A 328 -16.90 -32.95 -0.24
CA TYR A 328 -17.63 -34.09 -0.72
C TYR A 328 -19.08 -33.65 -0.87
N GLU A 329 -19.51 -33.50 -2.11
CA GLU A 329 -20.81 -32.88 -2.42
C GLU A 329 -21.81 -33.99 -2.78
N SER B 2 18.64 19.90 2.22
CA SER B 2 18.20 18.46 2.14
C SER B 2 17.04 18.41 1.17
N LEU B 3 16.51 17.24 0.86
CA LEU B 3 15.36 17.17 -0.07
C LEU B 3 14.12 17.83 0.52
N ILE B 4 13.98 17.64 1.80
CA ILE B 4 12.77 17.95 2.51
C ILE B 4 12.70 19.49 2.70
N GLU B 5 13.86 20.13 2.83
CA GLU B 5 13.89 21.60 2.80
C GLU B 5 13.52 22.16 1.43
N ASN B 6 13.46 21.32 0.41
CA ASN B 6 13.17 21.79 -0.93
C ASN B 6 11.75 21.50 -1.36
N LEU B 7 10.93 21.04 -0.41
CA LEU B 7 9.48 20.87 -0.68
C LEU B 7 8.78 22.18 -0.37
N TRP B 8 9.00 23.13 -1.27
CA TRP B 8 8.65 24.52 -1.01
C TRP B 8 7.17 24.68 -0.84
N ARG B 9 6.40 23.83 -1.49
CA ARG B 9 4.95 23.91 -1.38
C ARG B 9 4.42 23.16 -0.16
N GLY B 10 5.33 22.60 0.62
CA GLY B 10 5.00 22.07 1.91
C GLY B 10 4.51 20.65 1.96
N ILE B 11 4.31 20.21 3.18
CA ILE B 11 3.93 18.88 3.46
C ILE B 11 2.56 18.94 4.12
N CYS B 12 1.62 18.16 3.63
CA CYS B 12 0.28 18.10 4.20
C CYS B 12 0.18 16.84 5.04
N ILE B 13 -0.10 16.97 6.33
CA ILE B 13 -0.31 15.83 7.20
C ILE B 13 -1.81 15.56 7.39
N ILE B 14 -2.26 14.34 7.07
CA ILE B 14 -3.66 13.97 7.04
C ILE B 14 -3.82 12.73 7.94
N SER B 15 -4.50 12.88 9.07
CA SER B 15 -4.80 11.76 10.01
C SER B 15 -6.29 11.46 10.03
N ALA B 16 -6.66 10.25 10.45
CA ALA B 16 -8.10 9.89 10.42
C ALA B 16 -8.71 9.68 11.80
N SER B 17 -7.88 9.32 12.79
CA SER B 17 -8.37 9.09 14.13
C SER B 17 -7.73 10.06 15.12
N GLU B 18 -8.23 9.99 16.36
CA GLU B 18 -7.80 10.83 17.47
C GLU B 18 -6.33 10.64 17.78
N ASP B 19 -5.92 9.43 18.13
CA ASP B 19 -4.49 9.22 18.49
C ASP B 19 -3.59 9.51 17.27
N ALA B 20 -4.15 9.31 16.09
CA ALA B 20 -3.52 9.64 14.82
C ALA B 20 -3.24 11.15 14.80
N PHE B 21 -4.30 11.93 14.94
CA PHE B 21 -4.21 13.40 14.99
C PHE B 21 -3.18 13.87 16.02
N SER B 22 -3.26 13.34 17.22
CA SER B 22 -2.29 13.70 18.21
C SER B 22 -0.90 13.54 17.63
N ALA B 23 -0.69 12.45 16.89
CA ALA B 23 0.60 12.14 16.21
C ALA B 23 0.95 13.15 15.12
N GLY B 24 -0.04 13.50 14.33
CA GLY B 24 0.12 14.52 13.29
C GLY B 24 0.62 15.85 13.83
N GLU B 25 0.07 16.29 14.96
CA GLU B 25 0.55 17.52 15.68
C GLU B 25 2.01 17.43 16.10
N THR B 26 2.43 16.27 16.59
CA THR B 26 3.84 16.12 16.95
C THR B 26 4.80 16.19 15.76
N ILE B 27 4.37 15.65 14.63
CA ILE B 27 5.19 15.66 13.43
C ILE B 27 5.18 17.08 12.89
N LYS B 28 4.02 17.70 12.94
CA LYS B 28 3.84 19.09 12.50
C LYS B 28 4.81 20.05 13.16
N GLU B 29 4.90 19.95 14.49
CA GLU B 29 5.80 20.78 15.27
C GLU B 29 7.27 20.50 14.99
N LYS B 30 7.60 19.26 14.68
CA LYS B 30 8.98 18.99 14.33
C LYS B 30 9.37 19.61 12.98
N LEU B 31 8.46 19.58 12.03
CA LEU B 31 8.73 20.13 10.70
C LEU B 31 8.81 21.69 10.69
N LYS B 32 7.97 22.32 11.52
CA LYS B 32 8.11 23.76 11.78
C LYS B 32 9.54 24.10 12.24
N SER B 33 10.11 23.31 13.13
CA SER B 33 11.49 23.58 13.57
C SER B 33 12.49 23.69 12.43
N PHE B 34 12.21 23.06 11.30
CA PHE B 34 13.16 23.09 10.21
C PHE B 34 12.68 24.01 9.11
N GLU B 35 11.69 24.83 9.42
CA GLU B 35 11.17 25.78 8.45
C GLU B 35 10.53 25.04 7.26
N ILE B 36 9.98 23.86 7.53
CA ILE B 36 9.29 23.17 6.46
C ILE B 36 7.80 23.54 6.55
N PRO B 37 7.29 24.23 5.52
CA PRO B 37 5.86 24.60 5.56
C PRO B 37 5.02 23.32 5.66
N VAL B 38 4.09 23.28 6.61
CA VAL B 38 3.38 22.07 6.95
C VAL B 38 1.99 22.44 7.41
N VAL B 39 0.98 21.72 6.93
CA VAL B 39 -0.42 21.84 7.32
C VAL B 39 -1.03 20.46 7.72
N HIS B 40 -1.81 20.45 8.77
CA HIS B 40 -2.46 19.25 9.31
C HIS B 40 -4.00 19.27 9.16
N TYR B 41 -4.55 18.33 8.39
CA TYR B 41 -5.97 18.22 8.14
C TYR B 41 -6.48 16.86 8.64
N ARG B 42 -7.71 16.85 9.16
CA ARG B 42 -8.34 15.61 9.49
C ARG B 42 -8.94 15.03 8.22
N TYR B 43 -8.98 13.70 8.17
CA TYR B 43 -9.52 13.02 7.00
C TYR B 43 -10.91 13.59 6.61
N LYS B 44 -11.79 13.78 7.61
CA LYS B 44 -13.10 14.47 7.41
C LYS B 44 -13.03 15.88 6.80
N ASP B 45 -12.10 16.70 7.29
CA ASP B 45 -11.92 18.08 6.79
C ASP B 45 -11.26 18.06 5.43
N ALA B 46 -10.53 16.98 5.13
CA ALA B 46 -9.64 16.98 3.98
C ALA B 46 -10.28 16.89 2.60
N GLU B 47 -9.97 17.84 1.72
CA GLU B 47 -10.41 17.70 0.36
C GLU B 47 -9.26 17.21 -0.50
N ILE B 48 -9.01 15.91 -0.39
CA ILE B 48 -7.75 15.29 -0.83
C ILE B 48 -7.47 15.57 -2.26
N GLU B 49 -8.56 15.67 -3.01
CA GLU B 49 -8.53 16.04 -4.39
C GLU B 49 -7.67 17.31 -4.62
N THR B 50 -7.98 18.34 -3.84
CA THR B 50 -7.38 19.66 -4.00
C THR B 50 -6.02 19.62 -3.28
N ILE B 51 -6.01 19.17 -2.05
CA ILE B 51 -4.73 18.96 -1.39
C ILE B 51 -3.69 18.33 -2.31
N TRP B 52 -4.13 17.36 -3.11
CA TRP B 52 -3.24 16.61 -3.95
C TRP B 52 -2.52 17.47 -4.99
N LYS B 53 -3.17 18.54 -5.42
CA LYS B 53 -2.53 19.44 -6.38
C LYS B 53 -1.69 20.54 -5.69
N CYS B 54 -1.87 20.70 -4.38
CA CYS B 54 -1.40 21.91 -3.65
C CYS B 54 -0.12 21.74 -2.83
N TYR B 55 0.21 20.51 -2.47
CA TYR B 55 1.35 20.29 -1.59
C TYR B 55 2.44 19.48 -2.28
N ASP B 56 3.68 19.54 -1.78
CA ASP B 56 4.71 18.67 -2.37
C ASP B 56 4.71 17.24 -1.85
N ALA B 57 4.24 17.04 -0.61
CA ALA B 57 4.16 15.71 -0.07
C ALA B 57 3.01 15.63 0.88
N ILE B 58 2.56 14.40 1.07
CA ILE B 58 1.46 14.13 1.93
C ILE B 58 1.91 13.03 2.87
N VAL B 59 1.69 13.26 4.15
CA VAL B 59 1.97 12.30 5.18
C VAL B 59 0.60 11.87 5.74
N PHE B 60 0.24 10.63 5.42
CA PHE B 60 -0.85 9.94 6.05
C PHE B 60 -0.42 9.32 7.37
N VAL B 61 -1.06 9.74 8.46
CA VAL B 61 -0.86 9.12 9.76
C VAL B 61 -2.05 8.22 10.01
N MET B 62 -1.82 6.91 9.86
CA MET B 62 -2.84 5.88 9.93
C MET B 62 -2.17 4.53 9.64
N ALA B 63 -2.98 3.49 9.54
CA ALA B 63 -2.46 2.15 9.25
C ALA B 63 -2.14 2.16 7.79
N LEU B 64 -1.12 1.42 7.39
CA LEU B 64 -0.78 1.31 5.99
C LEU B 64 -2.01 1.05 5.11
N GLU B 65 -2.91 0.21 5.63
CA GLU B 65 -4.05 -0.25 4.87
C GLU B 65 -4.96 0.94 4.48
N GLY B 66 -5.22 1.83 5.42
CA GLY B 66 -5.92 3.09 5.11
C GLY B 66 -5.22 4.01 4.10
N ALA B 67 -3.93 4.26 4.28
CA ALA B 67 -3.22 5.16 3.38
C ALA B 67 -3.33 4.68 1.94
N THR B 68 -3.10 3.39 1.74
CA THR B 68 -3.10 2.81 0.38
C THR B 68 -4.49 2.84 -0.24
N ARG B 69 -5.52 2.67 0.57
CA ARG B 69 -6.88 2.71 0.08
C ARG B 69 -7.07 4.09 -0.54
N ILE B 70 -6.81 5.11 0.26
CA ILE B 70 -6.83 6.49 -0.20
C ILE B 70 -5.91 6.70 -1.39
N VAL B 71 -4.65 6.30 -1.24
CA VAL B 71 -3.70 6.59 -2.31
C VAL B 71 -4.24 6.03 -3.61
N CYS B 72 -4.87 4.86 -3.55
N CYS B 72 -4.85 4.85 -3.53
CA CYS B 72 -5.37 4.21 -4.75
CA CYS B 72 -5.38 4.20 -4.71
C CYS B 72 -6.51 4.96 -5.48
C CYS B 72 -6.43 5.03 -5.45
N LYS B 73 -7.41 5.57 -4.71
CA LYS B 73 -8.42 6.50 -5.27
C LYS B 73 -7.81 7.64 -6.09
N TYR B 74 -6.68 8.20 -5.65
CA TYR B 74 -6.18 9.47 -6.20
C TYR B 74 -4.90 9.43 -7.02
N ALA B 75 -4.20 8.31 -7.08
CA ALA B 75 -2.89 8.32 -7.73
C ALA B 75 -2.91 8.61 -9.24
N LYS B 76 -3.00 9.89 -9.62
CA LYS B 76 -2.97 10.27 -11.05
C LYS B 76 -1.56 10.76 -11.47
N GLU B 80 4.01 15.19 -11.45
CA GLU B 80 2.73 15.80 -11.08
C GLU B 80 1.92 14.92 -10.12
N ASP B 81 2.65 14.20 -9.25
CA ASP B 81 2.03 13.61 -8.07
C ASP B 81 2.87 14.02 -6.86
N PRO B 82 2.24 14.20 -5.71
CA PRO B 82 3.06 14.38 -4.52
C PRO B 82 3.74 13.09 -4.01
N ALA B 83 4.92 13.23 -3.42
CA ALA B 83 5.50 12.17 -2.68
C ALA B 83 4.52 11.80 -1.52
N ILE B 84 4.30 10.52 -1.31
CA ILE B 84 3.36 10.11 -0.28
C ILE B 84 4.11 9.20 0.60
N VAL B 85 3.88 9.33 1.89
CA VAL B 85 4.53 8.56 2.89
C VAL B 85 3.46 8.25 3.92
N CYS B 86 3.64 7.07 4.54
CA CYS B 86 2.69 6.60 5.53
C CYS B 86 3.42 6.48 6.84
N ILE B 87 2.90 7.11 7.90
CA ILE B 87 3.50 6.99 9.23
C ILE B 87 2.49 6.43 10.23
N ASP B 88 2.91 5.46 11.03
CA ASP B 88 1.95 4.84 11.93
C ASP B 88 1.73 5.82 13.08
N ASP B 89 0.58 5.70 13.74
CA ASP B 89 0.23 6.66 14.77
C ASP B 89 1.14 6.66 16.02
N LYS B 90 2.15 5.79 16.08
CA LYS B 90 3.20 5.84 17.09
C LYS B 90 4.50 6.34 16.48
N ILE B 91 4.49 6.61 15.18
CA ILE B 91 5.72 7.10 14.60
C ILE B 91 6.85 6.09 14.77
N ASN B 92 6.54 4.82 14.61
CA ASN B 92 7.58 3.80 14.55
C ASN B 92 8.23 3.71 13.17
N TYR B 93 7.44 3.98 12.15
CA TYR B 93 7.94 3.75 10.79
C TYR B 93 7.56 4.91 9.91
N VAL B 94 8.41 5.16 8.92
CA VAL B 94 8.04 6.02 7.83
C VAL B 94 8.13 5.24 6.52
N ILE B 95 7.01 5.07 5.85
CA ILE B 95 6.96 4.17 4.71
C ILE B 95 6.53 4.91 3.42
N PRO B 96 7.45 5.11 2.48
CA PRO B 96 7.04 5.73 1.21
C PRO B 96 6.02 4.86 0.51
N LEU B 97 4.96 5.48 -0.03
CA LEU B 97 3.89 4.79 -0.75
C LEU B 97 3.84 5.16 -2.22
N LEU B 98 4.41 6.29 -2.57
CA LEU B 98 4.29 6.81 -3.92
C LEU B 98 5.40 7.81 -4.14
N GLY B 99 5.93 7.84 -5.36
CA GLY B 99 6.96 8.81 -5.70
C GLY B 99 8.32 8.22 -5.43
N GLY B 100 8.38 6.91 -5.22
CA GLY B 100 9.65 6.17 -4.97
C GLY B 100 10.67 6.61 -6.00
N HIS B 101 10.15 6.86 -7.21
CA HIS B 101 10.85 7.63 -8.25
C HIS B 101 11.28 8.99 -7.75
N TRP B 102 10.39 9.99 -7.74
CA TRP B 102 10.86 11.37 -7.57
C TRP B 102 11.28 11.79 -6.18
N GLY B 103 11.75 10.86 -5.35
CA GLY B 103 12.38 11.25 -4.10
C GLY B 103 11.69 10.86 -2.82
N ALA B 104 10.62 10.09 -2.91
CA ALA B 104 9.87 9.70 -1.73
C ALA B 104 10.69 8.93 -0.73
N ASN B 105 11.68 8.19 -1.23
CA ASN B 105 12.66 7.44 -0.39
C ASN B 105 13.55 8.34 0.42
N ASP B 106 14.12 9.37 -0.19
CA ASP B 106 14.92 10.29 0.59
C ASP B 106 14.04 11.06 1.57
N ILE B 107 12.81 11.38 1.19
CA ILE B 107 11.91 12.07 2.11
C ILE B 107 11.70 11.23 3.37
N ALA B 108 11.43 9.96 3.17
CA ALA B 108 11.20 9.04 4.29
C ALA B 108 12.44 8.90 5.16
N ARG B 109 13.60 8.83 4.53
CA ARG B 109 14.83 8.71 5.28
C ARG B 109 15.06 9.98 6.09
N GLU B 110 14.85 11.13 5.47
CA GLU B 110 15.13 12.41 6.12
C GLU B 110 14.04 12.70 7.11
N LEU B 111 12.83 12.33 6.78
CA LEU B 111 11.71 12.43 7.74
C LEU B 111 11.92 11.53 8.97
N SER B 112 12.52 10.36 8.77
CA SER B 112 12.72 9.42 9.87
C SER B 112 13.85 9.87 10.83
N VAL B 113 14.96 10.37 10.30
CA VAL B 113 15.94 11.12 11.09
C VAL B 113 15.27 12.17 11.96
N ILE B 114 14.73 13.21 11.32
CA ILE B 114 14.01 14.23 12.07
C ILE B 114 13.13 13.66 13.19
N LEU B 115 12.44 12.55 12.94
CA LEU B 115 11.43 12.10 13.88
C LEU B 115 11.94 10.93 14.74
N ASN B 116 13.23 10.62 14.69
CA ASN B 116 13.76 9.38 15.31
C ASN B 116 12.78 8.24 15.03
N SER B 117 12.74 7.85 13.77
CA SER B 117 11.83 6.80 13.39
C SER B 117 12.67 5.93 12.53
N THR B 118 12.07 4.91 11.94
CA THR B 118 12.82 4.01 11.07
C THR B 118 12.19 4.06 9.70
N PRO B 119 12.97 4.39 8.67
CA PRO B 119 12.42 4.41 7.32
C PRO B 119 12.31 2.99 6.72
N ILE B 120 11.17 2.66 6.14
CA ILE B 120 11.02 1.33 5.54
C ILE B 120 11.15 1.42 4.01
N ILE B 121 12.37 1.28 3.50
CA ILE B 121 12.64 1.30 2.07
C ILE B 121 12.61 -0.13 1.47
N THR B 122 11.82 -0.34 0.40
CA THR B 122 11.66 -1.69 -0.17
C THR B 122 11.90 -1.81 -1.67
N LYS B 130 14.25 9.51 -10.53
CA LYS B 130 14.20 10.11 -11.87
C LYS B 130 13.34 11.39 -11.91
N LEU B 131 13.67 12.30 -12.81
CA LEU B 131 12.96 13.60 -12.90
C LEU B 131 11.91 13.68 -14.05
N SER B 132 11.11 14.74 -14.00
CA SER B 132 10.27 15.11 -15.12
C SER B 132 10.72 16.54 -15.45
N ILE B 133 10.53 16.99 -16.69
CA ILE B 133 10.92 18.35 -17.05
C ILE B 133 10.11 19.37 -16.25
N GLU B 134 8.82 19.07 -16.12
CA GLU B 134 7.89 19.82 -15.28
C GLU B 134 8.51 20.01 -13.91
N ARG B 135 8.95 18.90 -13.31
CA ARG B 135 9.61 18.97 -12.01
C ARG B 135 10.82 19.88 -12.02
N ILE B 136 11.59 19.87 -13.10
CA ILE B 136 12.83 20.67 -13.14
C ILE B 136 12.57 22.16 -13.38
N ALA B 137 11.49 22.44 -14.07
CA ALA B 137 11.05 23.81 -14.25
C ALA B 137 10.59 24.36 -12.87
N ASN B 138 9.67 23.67 -12.19
CA ASN B 138 9.32 24.06 -10.82
C ASN B 138 10.57 24.28 -9.99
N ILE B 139 11.52 23.35 -10.05
CA ILE B 139 12.76 23.53 -9.27
C ILE B 139 13.48 24.83 -9.61
N LEU B 140 13.42 25.19 -10.89
CA LEU B 140 14.21 26.33 -11.36
C LEU B 140 13.38 27.62 -11.34
N ILE B 141 12.09 27.47 -11.08
CA ILE B 141 11.19 28.59 -10.99
C ILE B 141 11.30 29.28 -12.33
N ALA B 142 10.65 28.68 -13.30
CA ALA B 142 10.87 28.99 -14.67
C ALA B 142 9.76 28.32 -15.39
N LYS B 143 9.45 28.83 -16.58
CA LYS B 143 8.33 28.33 -17.35
C LYS B 143 8.80 27.59 -18.59
N ILE B 144 8.12 26.51 -18.94
CA ILE B 144 8.38 25.78 -20.18
C ILE B 144 7.66 26.43 -21.36
N ILE B 145 8.42 26.82 -22.38
CA ILE B 145 7.84 27.50 -23.53
C ILE B 145 7.59 26.68 -24.79
N ASN B 146 8.25 25.53 -24.91
CA ASN B 146 8.03 24.66 -26.07
C ASN B 146 7.66 23.24 -25.67
N PRO B 147 6.41 23.05 -25.19
CA PRO B 147 5.89 21.84 -24.56
C PRO B 147 5.71 20.69 -25.54
N GLU B 148 6.01 20.95 -26.80
CA GLU B 148 6.00 19.88 -27.81
C GLU B 148 7.21 18.97 -27.59
N ASN B 149 8.23 19.44 -26.86
CA ASN B 149 9.39 18.58 -26.61
C ASN B 149 9.40 18.00 -25.21
N ILE B 150 8.23 18.01 -24.56
CA ILE B 150 8.07 17.50 -23.20
C ILE B 150 8.13 15.99 -23.17
N VAL B 151 7.39 15.39 -24.10
CA VAL B 151 7.24 13.95 -24.11
C VAL B 151 8.58 13.24 -24.29
N LYS B 152 9.30 13.58 -25.37
CA LYS B 152 10.61 12.95 -25.57
C LYS B 152 11.69 13.23 -24.52
N ILE B 153 11.72 14.42 -23.94
CA ILE B 153 12.74 14.74 -22.95
C ILE B 153 12.45 14.02 -21.64
N ASN B 154 11.17 13.84 -21.35
CA ASN B 154 10.77 13.01 -20.22
C ASN B 154 11.14 11.55 -20.42
N ALA B 155 10.93 11.03 -21.63
CA ALA B 155 11.22 9.62 -21.88
C ALA B 155 12.73 9.42 -21.76
N ALA B 156 13.49 10.42 -22.16
CA ALA B 156 14.95 10.46 -21.92
C ALA B 156 15.23 10.43 -20.45
N LEU B 157 14.49 11.23 -19.68
CA LEU B 157 14.83 11.38 -18.27
C LEU B 157 14.63 10.02 -17.63
N LEU B 158 13.59 9.36 -18.11
CA LEU B 158 13.13 8.06 -17.61
C LEU B 158 14.08 6.97 -18.07
N ARG B 159 14.59 7.08 -19.30
CA ARG B 159 15.72 6.25 -19.77
C ARG B 159 16.99 6.64 -19.04
N ASP B 160 16.89 7.57 -18.10
CA ASP B 160 18.06 8.03 -17.32
C ASP B 160 19.25 8.49 -18.18
N GLU B 161 18.96 9.04 -19.35
CA GLU B 161 20.04 9.48 -20.23
C GLU B 161 20.59 10.72 -19.63
N SER B 162 21.80 11.11 -20.01
CA SER B 162 22.31 12.37 -19.51
C SER B 162 21.72 13.56 -20.28
N ILE B 163 21.28 14.54 -19.51
CA ILE B 163 20.66 15.71 -20.03
C ILE B 163 21.40 16.95 -19.55
N CYS B 164 21.64 17.87 -20.48
CA CYS B 164 22.27 19.14 -20.15
C CYS B 164 21.28 20.20 -19.64
N ILE B 165 21.72 21.09 -18.76
CA ILE B 165 20.98 22.32 -18.40
C ILE B 165 21.84 23.57 -18.61
N ASP B 166 21.42 24.45 -19.51
CA ASP B 166 22.33 25.52 -19.90
C ASP B 166 21.80 26.90 -19.52
N GLY B 167 22.67 27.68 -18.87
CA GLY B 167 22.31 28.97 -18.31
C GLY B 167 21.77 28.82 -16.90
N ILE B 168 22.45 28.04 -16.07
CA ILE B 168 22.09 28.01 -14.65
C ILE B 168 22.85 29.07 -13.85
N ASN B 171 24.27 26.81 -8.40
CA ASN B 171 24.26 25.37 -8.58
C ASN B 171 23.10 24.76 -7.80
N VAL B 172 22.47 23.73 -8.35
CA VAL B 172 21.33 23.12 -7.69
C VAL B 172 21.50 21.60 -7.65
N ASN B 173 21.27 21.00 -6.47
CA ASN B 173 21.54 19.57 -6.27
C ASN B 173 20.75 18.69 -7.24
N PHE B 174 21.39 18.32 -8.33
CA PHE B 174 20.74 17.60 -9.40
C PHE B 174 21.54 16.33 -9.66
N PRO B 175 20.84 15.17 -9.68
CA PRO B 175 21.50 13.92 -9.97
C PRO B 175 22.73 14.04 -10.85
N GLU B 176 23.22 12.89 -11.27
CA GLU B 176 24.52 12.82 -11.93
C GLU B 176 24.36 12.92 -13.45
N ASN B 177 23.21 12.44 -13.94
CA ASN B 177 22.90 12.59 -15.36
C ASN B 177 22.92 14.07 -15.74
N ILE B 178 22.07 14.87 -15.10
CA ILE B 178 22.09 16.31 -15.35
C ILE B 178 23.50 16.91 -15.34
N LYS B 179 23.94 17.41 -16.50
CA LYS B 179 25.21 18.10 -16.62
C LYS B 179 24.96 19.60 -16.80
N VAL B 180 25.55 20.43 -15.95
CA VAL B 180 25.37 21.88 -16.01
C VAL B 180 26.66 22.62 -16.34
N CYS B 185 25.73 16.68 -24.29
CA CYS B 185 24.52 15.89 -24.09
C CYS B 185 23.72 15.85 -25.38
N SER B 186 22.88 14.84 -25.53
CA SER B 186 21.96 14.77 -26.69
C SER B 186 20.69 15.59 -26.41
N TYR B 187 20.44 15.84 -25.12
CA TYR B 187 19.29 16.59 -24.67
C TYR B 187 19.69 17.84 -23.91
N ILE B 188 19.05 18.94 -24.27
CA ILE B 188 19.34 20.26 -23.71
C ILE B 188 18.11 20.91 -23.08
N ILE B 189 18.30 21.40 -21.87
CA ILE B 189 17.34 22.28 -21.24
C ILE B 189 17.95 23.66 -21.15
N SER B 190 17.37 24.63 -21.85
CA SER B 190 18.09 25.95 -21.95
C SER B 190 17.41 27.13 -21.26
N LEU B 191 18.20 27.92 -20.57
CA LEU B 191 17.75 29.15 -19.91
C LEU B 191 18.44 30.39 -20.50
N ARG B 192 19.16 30.18 -21.59
CA ARG B 192 19.62 31.27 -22.42
C ARG B 192 18.45 31.56 -23.32
N ASP B 194 18.08 33.06 -28.12
CA ASP B 194 19.24 33.52 -27.37
C ASP B 194 20.41 32.61 -27.71
N LYS B 195 20.10 31.43 -28.24
CA LYS B 195 21.12 30.51 -28.67
C LYS B 195 20.47 29.42 -29.46
N GLU B 196 21.28 28.53 -30.04
CA GLU B 196 20.75 27.43 -30.84
C GLU B 196 21.57 26.16 -30.66
N TYR B 197 20.92 25.05 -30.99
CA TYR B 197 21.52 23.73 -30.79
C TYR B 197 21.22 22.79 -31.96
N LYS B 198 22.28 22.35 -32.65
CA LYS B 198 22.14 21.53 -33.84
C LYS B 198 22.24 20.05 -33.46
N ASP B 199 21.23 19.29 -33.86
CA ASP B 199 21.22 17.87 -33.56
C ASP B 199 20.99 17.57 -32.08
N LYS B 200 20.48 18.53 -31.32
CA LYS B 200 20.18 18.29 -29.91
C LYS B 200 18.69 18.39 -29.81
N ILE B 201 18.10 17.69 -28.84
CA ILE B 201 16.71 17.86 -28.49
C ILE B 201 16.58 18.87 -27.36
N VAL B 202 15.83 19.95 -27.58
CA VAL B 202 15.90 21.13 -26.71
C VAL B 202 14.58 21.56 -26.15
N VAL B 203 14.54 21.71 -24.84
CA VAL B 203 13.44 22.35 -24.15
C VAL B 203 13.99 23.62 -23.56
N TRP B 204 13.27 24.70 -23.83
CA TRP B 204 13.61 26.05 -23.43
C TRP B 204 12.87 26.47 -22.18
N LEU B 205 13.60 27.05 -21.25
CA LEU B 205 12.97 27.57 -20.04
C LEU B 205 13.22 29.07 -19.85
N LYS B 206 12.15 29.77 -19.51
CA LYS B 206 12.19 31.20 -19.20
C LYS B 206 12.08 31.27 -17.70
N PRO B 207 13.16 31.69 -17.05
CA PRO B 207 13.14 31.93 -15.64
C PRO B 207 12.15 33.05 -15.24
N LEU B 208 11.32 32.78 -14.24
CA LEU B 208 10.37 33.76 -13.71
C LEU B 208 11.03 34.58 -12.63
N LYS B 209 10.55 35.80 -12.42
CA LYS B 209 10.91 36.51 -11.21
C LYS B 209 9.91 36.12 -10.10
N ILE B 210 10.17 36.53 -8.86
CA ILE B 210 9.24 36.21 -7.77
C ILE B 210 8.52 37.39 -7.12
N SER B 211 7.30 37.10 -6.65
CA SER B 211 6.58 37.97 -5.75
C SER B 211 6.75 37.54 -4.27
N ILE B 212 7.36 38.36 -3.44
CA ILE B 212 7.42 38.15 -2.01
C ILE B 212 6.36 38.90 -1.19
N GLY B 213 5.59 38.11 -0.41
CA GLY B 213 4.50 38.62 0.39
C GLY B 213 4.93 38.54 1.85
N ILE B 214 4.65 39.56 2.59
CA ILE B 214 5.02 39.62 3.98
C ILE B 214 3.80 39.83 4.83
N GLY B 215 3.59 38.92 5.78
CA GLY B 215 2.56 39.11 6.79
C GLY B 215 3.20 39.72 8.03
N SER B 216 2.72 40.88 8.43
CA SER B 216 3.26 41.48 9.63
C SER B 216 2.25 42.14 10.58
N LYS B 217 2.55 42.10 11.88
CA LYS B 217 1.77 42.86 12.88
C LYS B 217 1.99 44.36 12.68
N LYS B 218 1.13 45.19 13.28
CA LYS B 218 1.10 46.63 12.93
C LYS B 218 2.46 47.29 13.20
N ASP B 219 3.07 46.95 14.34
CA ASP B 219 4.43 47.40 14.65
C ASP B 219 5.46 46.56 13.90
N VAL B 220 5.54 46.78 12.60
CA VAL B 220 6.46 46.01 11.82
C VAL B 220 7.74 46.04 12.62
N LYS B 221 8.31 44.87 12.84
CA LYS B 221 9.71 44.73 13.28
C LYS B 221 10.57 44.60 12.04
N MET B 222 11.11 45.70 11.54
CA MET B 222 11.81 45.70 10.23
C MET B 222 12.89 44.68 10.07
N GLU B 223 13.68 44.50 11.12
CA GLU B 223 14.94 43.78 10.97
C GLU B 223 14.64 42.34 10.62
N GLU B 224 13.71 41.73 11.35
CA GLU B 224 13.41 40.33 11.15
C GLU B 224 12.77 40.13 9.78
N ILE B 225 12.09 41.15 9.29
CA ILE B 225 11.66 41.08 7.88
C ILE B 225 12.79 41.11 6.84
N ARG B 226 13.81 41.92 7.05
CA ARG B 226 14.98 42.00 6.10
C ARG B 226 15.66 40.63 5.79
N ASP B 227 15.93 39.86 6.83
CA ASP B 227 16.68 38.59 6.67
C ASP B 227 15.86 37.42 6.20
N GLY B 228 14.64 37.35 6.71
CA GLY B 228 13.64 36.48 6.12
C GLY B 228 13.70 36.55 4.62
N ILE B 229 13.82 37.73 4.04
CA ILE B 229 13.92 37.76 2.55
C ILE B 229 15.18 37.13 1.97
N TYR B 230 16.32 37.40 2.61
CA TYR B 230 17.59 36.75 2.25
C TYR B 230 17.50 35.24 2.42
N LYS B 231 16.97 34.82 3.56
CA LYS B 231 16.86 33.40 3.86
C LYS B 231 15.91 32.72 2.91
N VAL B 232 14.93 33.47 2.44
CA VAL B 232 14.11 32.97 1.36
C VAL B 232 14.88 32.87 0.03
N LEU B 233 15.70 33.86 -0.30
CA LEU B 233 16.46 33.79 -1.55
C LEU B 233 17.47 32.62 -1.59
N GLU B 234 18.15 32.33 -0.48
CA GLU B 234 18.98 31.12 -0.40
C GLU B 234 18.12 29.91 -0.70
N ARG B 235 17.09 29.75 0.13
CA ARG B 235 16.21 28.58 0.08
C ARG B 235 15.76 28.29 -1.33
N LEU B 236 15.57 29.34 -2.10
CA LEU B 236 15.07 29.15 -3.46
C LEU B 236 16.22 29.10 -4.50
N ASN B 237 17.45 29.23 -4.03
CA ASN B 237 18.59 29.24 -4.96
C ASN B 237 18.36 30.35 -5.97
N LEU B 238 18.19 31.56 -5.44
CA LEU B 238 18.02 32.82 -6.22
C LEU B 238 18.86 33.96 -5.65
N LYS B 239 19.23 34.95 -6.48
CA LYS B 239 19.69 36.23 -5.93
C LYS B 239 18.59 37.27 -6.17
N ARG B 240 18.79 38.49 -5.65
CA ARG B 240 17.76 39.52 -5.65
C ARG B 240 17.22 39.73 -7.04
N GLU B 241 18.13 39.85 -8.00
CA GLU B 241 17.69 40.13 -9.35
C GLU B 241 16.42 39.35 -9.66
N ARG B 242 16.14 38.30 -8.90
CA ARG B 242 14.99 37.47 -9.21
C ARG B 242 13.68 38.03 -8.57
N ILE B 243 13.85 38.90 -7.58
CA ILE B 243 12.68 39.52 -6.92
C ILE B 243 11.99 40.52 -7.85
N GLY B 244 10.86 40.13 -8.46
CA GLY B 244 10.05 41.09 -9.20
C GLY B 244 9.28 42.11 -8.35
N ILE B 245 8.99 41.80 -7.08
CA ILE B 245 8.08 42.64 -6.29
C ILE B 245 7.89 42.18 -4.87
N ILE B 246 7.72 43.13 -3.97
CA ILE B 246 7.43 42.82 -2.60
C ILE B 246 6.09 43.45 -2.16
N ALA B 247 5.35 42.74 -1.33
CA ALA B 247 3.98 43.14 -1.08
C ALA B 247 3.65 42.84 0.33
N SER B 248 2.90 43.76 0.94
CA SER B 248 2.40 43.61 2.28
C SER B 248 1.14 44.50 2.49
N ILE B 249 0.44 44.32 3.57
CA ILE B 249 -0.54 45.32 3.98
C ILE B 249 0.12 46.40 4.83
N ARG B 250 1.42 46.27 5.11
CA ARG B 250 2.08 47.28 5.96
C ARG B 250 2.92 48.16 5.11
N GLU B 251 2.62 49.45 5.13
CA GLU B 251 3.23 50.39 4.16
C GLU B 251 4.73 50.53 4.46
N GLU B 252 5.11 50.29 5.71
CA GLU B 252 6.51 50.47 6.09
C GLU B 252 7.46 49.46 5.41
N VAL B 253 6.91 48.34 4.95
CA VAL B 253 7.70 47.35 4.22
C VAL B 253 8.24 47.91 2.89
N LYS B 254 7.67 49.04 2.47
CA LYS B 254 8.14 49.63 1.23
C LYS B 254 9.62 50.04 1.36
N LYS B 255 10.05 50.36 2.59
CA LYS B 255 11.42 50.83 2.83
C LYS B 255 12.38 49.69 2.54
N ILE B 256 11.89 48.47 2.79
CA ILE B 256 12.66 47.31 2.47
C ILE B 256 12.64 47.04 0.98
N ALA B 257 11.54 47.34 0.32
CA ALA B 257 11.53 47.12 -1.12
C ALA B 257 12.50 48.07 -1.84
N ASP B 258 12.56 49.32 -1.40
CA ASP B 258 13.52 50.23 -1.99
C ASP B 258 14.97 49.71 -1.83
N GLU B 259 15.34 49.23 -0.65
CA GLU B 259 16.70 48.69 -0.46
C GLU B 259 17.08 47.64 -1.50
N PHE B 260 16.10 46.84 -1.95
CA PHE B 260 16.31 45.89 -3.03
C PHE B 260 16.08 46.60 -4.34
N ASN B 261 15.66 47.85 -4.25
CA ASN B 261 15.27 48.59 -5.45
C ASN B 261 14.29 47.76 -6.26
N VAL B 262 13.23 47.27 -5.64
CA VAL B 262 12.19 46.65 -6.43
C VAL B 262 10.89 47.31 -6.06
N ARG B 263 9.96 47.20 -6.95
CA ARG B 263 8.62 47.66 -6.72
C ARG B 263 7.97 47.12 -5.41
N PHE B 264 7.23 47.99 -4.72
CA PHE B 264 6.44 47.62 -3.59
C PHE B 264 4.97 47.57 -3.99
N ARG B 265 4.20 46.72 -3.35
CA ARG B 265 2.77 46.71 -3.59
C ARG B 265 2.10 46.67 -2.24
N LEU B 266 1.41 47.75 -1.89
CA LEU B 266 0.64 47.86 -0.66
C LEU B 266 -0.69 47.21 -1.00
N VAL B 267 -1.06 46.20 -0.23
CA VAL B 267 -2.27 45.50 -0.48
C VAL B 267 -3.24 45.95 0.58
N ASN B 268 -4.48 46.21 0.19
CA ASN B 268 -5.46 46.55 1.20
C ASN B 268 -6.42 45.42 1.56
N GLU B 269 -7.15 45.61 2.67
CA GLU B 269 -8.04 44.58 3.22
C GLU B 269 -9.22 44.18 2.31
N GLU B 270 -9.61 45.02 1.37
CA GLU B 270 -10.68 44.65 0.47
C GLU B 270 -10.14 43.59 -0.45
N GLU B 271 -8.95 43.88 -0.99
CA GLU B 271 -8.23 42.95 -1.86
C GLU B 271 -8.00 41.65 -1.13
N ILE B 272 -7.66 41.72 0.16
CA ILE B 272 -7.48 40.51 0.92
C ILE B 272 -8.84 39.76 0.99
N ASN B 273 -9.93 40.47 1.28
CA ASN B 273 -11.21 39.80 1.48
C ASN B 273 -11.78 39.19 0.17
N ASN B 274 -11.44 39.80 -0.97
CA ASN B 274 -11.90 39.36 -2.29
C ASN B 274 -11.14 38.14 -2.81
N PHE B 275 -10.02 37.84 -2.19
CA PHE B 275 -9.12 36.87 -2.79
C PHE B 275 -9.43 35.43 -2.42
N MET B 276 -9.39 34.55 -3.41
CA MET B 276 -9.58 33.12 -3.19
C MET B 276 -8.64 32.33 -4.05
N ASN B 277 -8.15 31.24 -3.49
CA ASN B 277 -7.26 30.34 -4.21
C ASN B 277 -7.16 29.07 -3.38
N PRO B 278 -7.42 27.92 -4.00
CA PRO B 278 -7.63 26.65 -3.29
C PRO B 278 -6.36 26.15 -2.59
N CYS B 279 -5.19 26.57 -3.08
CA CYS B 279 -3.91 26.17 -2.46
C CYS B 279 -3.48 26.98 -1.22
N LEU B 280 -4.29 27.92 -0.74
CA LEU B 280 -3.95 28.75 0.44
C LEU B 280 -3.78 27.92 1.69
N THR B 281 -2.79 28.23 2.52
CA THR B 281 -2.73 27.65 3.85
C THR B 281 -4.03 28.05 4.57
N PRO B 282 -4.70 27.09 5.21
CA PRO B 282 -5.94 27.36 5.90
C PRO B 282 -5.73 28.25 7.12
N PRO B 283 -6.76 29.06 7.48
CA PRO B 283 -6.86 29.93 8.64
C PRO B 283 -6.28 29.34 9.92
N LYS B 293 -5.88 37.74 8.21
CA LYS B 293 -5.24 36.42 8.31
C LYS B 293 -4.81 36.02 6.93
N GLY B 294 -3.77 35.20 6.80
CA GLY B 294 -3.34 34.73 5.48
C GLY B 294 -2.70 35.81 4.58
N VAL B 295 -2.17 36.85 5.18
CA VAL B 295 -1.67 38.02 4.45
C VAL B 295 -0.51 37.73 3.54
N ALA B 296 0.47 36.95 4.05
CA ALA B 296 1.70 36.73 3.32
C ALA B 296 1.44 36.07 1.98
N GLU B 297 0.77 34.93 2.02
CA GLU B 297 0.40 34.18 0.79
C GLU B 297 -0.49 34.94 -0.16
N ILE B 298 -1.60 35.48 0.37
CA ILE B 298 -2.48 36.35 -0.44
C ILE B 298 -1.81 37.57 -1.03
N SER B 299 -1.05 38.29 -0.25
CA SER B 299 -0.26 39.41 -0.85
C SER B 299 0.63 38.94 -1.98
N ALA B 300 1.36 37.85 -1.74
CA ALA B 300 2.34 37.44 -2.77
C ALA B 300 1.58 37.07 -4.02
N LEU B 301 0.47 36.37 -3.85
CA LEU B 301 -0.29 35.99 -5.03
C LEU B 301 -0.89 37.24 -5.73
N ILE B 302 -1.56 38.09 -4.97
CA ILE B 302 -2.12 39.29 -5.56
C ILE B 302 -1.01 40.10 -6.30
N ALA B 303 0.10 40.40 -5.64
CA ALA B 303 1.13 41.16 -6.31
C ALA B 303 1.81 40.35 -7.44
N GLY B 304 1.61 39.03 -7.45
CA GLY B 304 2.25 38.16 -8.44
C GLY B 304 1.57 38.31 -9.79
N GLY B 305 0.26 38.53 -9.72
CA GLY B 305 -0.48 38.83 -10.90
C GLY B 305 -1.47 37.74 -11.21
N ARG B 306 -2.23 37.94 -12.28
CA ARG B 306 -3.19 36.95 -12.72
C ARG B 306 -2.44 35.65 -13.03
N ASN B 307 -2.97 34.54 -12.51
CA ASN B 307 -2.38 33.22 -12.73
C ASN B 307 -1.10 32.96 -11.94
N SER B 308 -0.72 33.87 -11.03
CA SER B 308 0.39 33.62 -10.12
C SER B 308 0.19 32.26 -9.48
N LYS B 309 1.27 31.55 -9.27
CA LYS B 309 1.20 30.31 -8.53
C LYS B 309 2.08 30.46 -7.31
N LEU B 310 1.66 29.83 -6.23
CA LEU B 310 2.44 29.72 -4.99
C LEU B 310 3.70 28.84 -5.20
N ILE B 311 4.82 29.30 -4.70
CA ILE B 311 6.09 28.64 -4.86
C ILE B 311 6.53 28.24 -3.46
N LEU B 312 6.67 29.25 -2.59
CA LEU B 312 6.91 28.99 -1.20
C LEU B 312 5.65 29.24 -0.33
N ARG B 313 5.14 28.15 0.20
CA ARG B 313 4.10 28.17 1.17
C ARG B 313 4.49 28.94 2.47
N LYS B 314 3.51 29.55 3.10
CA LYS B 314 3.74 30.38 4.28
C LYS B 314 4.71 29.78 5.34
N ILE B 315 5.65 30.61 5.76
CA ILE B 315 6.63 30.23 6.74
C ILE B 315 6.71 31.37 7.79
N ALA B 316 6.74 31.00 9.07
CA ALA B 316 6.98 32.01 10.13
C ALA B 316 8.40 32.59 10.13
N ILE B 317 8.52 33.75 10.74
CA ILE B 317 9.84 34.28 11.10
C ILE B 317 9.82 34.49 12.60
N SER B 318 8.62 34.64 13.15
CA SER B 318 8.42 34.89 14.56
C SER B 318 6.93 34.85 14.62
N ARG B 319 6.35 35.19 15.76
CA ARG B 319 4.90 35.23 15.81
C ARG B 319 4.38 36.55 15.29
N ASN B 320 5.28 37.46 14.94
CA ASN B 320 4.80 38.75 14.44
C ASN B 320 4.91 38.82 12.92
N SER B 321 5.52 37.80 12.33
CA SER B 321 6.01 37.90 10.94
C SER B 321 6.04 36.58 10.17
N THR B 322 5.65 36.69 8.89
CA THR B 322 5.53 35.56 7.98
C THR B 322 5.90 35.98 6.60
N ILE B 323 6.21 34.99 5.78
CA ILE B 323 6.60 35.24 4.44
C ILE B 323 6.15 34.09 3.57
N ALA B 324 5.91 34.40 2.31
CA ALA B 324 5.45 33.40 1.34
C ALA B 324 5.93 33.90 0.01
N VAL B 325 6.00 33.02 -1.00
CA VAL B 325 6.45 33.44 -2.33
C VAL B 325 5.57 32.87 -3.44
N ALA B 326 5.31 33.69 -4.44
CA ALA B 326 4.53 33.27 -5.57
C ALA B 326 5.28 33.71 -6.85
N THR B 327 4.87 33.21 -8.00
CA THR B 327 5.48 33.68 -9.26
C THR B 327 5.04 35.12 -9.63
N TYR B 328 5.99 35.92 -10.16
CA TYR B 328 5.70 37.25 -10.67
C TYR B 328 5.38 37.14 -12.16
N GLU B 329 4.10 37.22 -12.52
CA GLU B 329 3.63 37.20 -13.91
C GLU B 329 3.39 38.64 -14.46
N GLY B 330 3.98 39.66 -13.85
CA GLY B 330 3.75 41.05 -14.29
C GLY B 330 4.80 41.63 -15.25
N HIS B 331 4.74 42.93 -15.48
CA HIS B 331 5.67 43.54 -16.45
C HIS B 331 6.96 44.00 -15.77
S SO4 C . -4.64 -10.51 -14.04
O1 SO4 C . -5.72 -11.34 -13.56
O2 SO4 C . -3.29 -10.92 -13.61
O3 SO4 C . -4.64 -10.53 -15.50
O4 SO4 C . -4.83 -9.13 -13.53
S SO4 D . -3.67 -8.27 15.38
O1 SO4 D . -4.69 -8.41 16.39
O2 SO4 D . -2.37 -8.13 16.01
O3 SO4 D . -3.62 -9.45 14.53
O4 SO4 D . -3.94 -7.08 14.59
S SO4 E . 0.92 -35.27 -7.75
O1 SO4 E . -0.34 -35.08 -7.01
O2 SO4 E . 1.87 -36.01 -6.89
O3 SO4 E . 0.65 -36.09 -8.96
O4 SO4 E . 1.61 -34.00 -8.11
S SO4 F . 8.76 -11.68 -14.40
O1 SO4 F . 7.53 -12.50 -14.43
O2 SO4 F . 9.85 -12.12 -13.47
O3 SO4 F . 9.31 -11.70 -15.80
O4 SO4 F . 8.36 -10.30 -14.11
S SO4 G . -1.16 34.87 9.27
O1 SO4 G . -0.53 33.96 10.22
O2 SO4 G . -0.64 34.79 7.88
O3 SO4 G . -2.59 34.58 9.35
O4 SO4 G . -0.90 36.25 9.70
S SO4 H . 17.08 5.86 -3.54
O1 SO4 H . 16.92 7.24 -3.01
O2 SO4 H . 18.53 5.65 -3.84
O3 SO4 H . 16.23 5.78 -4.76
O4 SO4 H . 16.63 4.83 -2.55
#